data_5IF2
#
_entry.id   5IF2
#
_cell.length_a   68.890
_cell.length_b   68.890
_cell.length_c   396.920
_cell.angle_alpha   90.000
_cell.angle_beta   90.000
_cell.angle_gamma   120.000
#
_symmetry.space_group_name_H-M   'P 65 2 2'
#
loop_
_entity.id
_entity.type
_entity.pdbx_description
1 polymer 'Polymerase acidic protein'
2 non-polymer (5,6-dichloro-1H-benzimidazol-2-yl)methanol
3 non-polymer 'DIMETHYL SULFOXIDE'
4 non-polymer 'CHLORIDE ION'
5 water water
#
_entity_poly.entity_id   1
_entity_poly.type   'polypeptide(L)'
_entity_poly.pdbx_seq_one_letter_code
;GNARIEPFLKSTPRPLRLPDGPPCSQRSKFLLMDALKLSIEDPSHEGEGIPLYDAIKCMRTFFGWKEPNVVKPHEKGINP
NYLLSWKQVLAELQDIENEEKIPRTKNMKKTSQLKWALGENMAPEKVDFDDCKDVGDLKQYDSDEPELRSLASWIQNEFN
KACELTDSSWIELDEIGEDAAPIEHIASMRRNYFTAEVSHCRATEYIMKGVYINTALLNASCAAMDDFQLIPMISKCRTK
EGRRKTNLYGFIIKGRSHLRNDTDVVNFVSMEFSLTDPRLEPHKWEKYCVLEVGDMLLRSAIGHVSRPMFLYVRTNGTSK
IKMKWGMEMRRCLLQSLQQIESMIEAESSVKEKDMTKEFFENKSETWPVGESPKGVEEGSIGKVCRTLLAKSVFNSLYAS
PQLEGFSAESRKLLLIVQALRDNLEPGTFDLGGLYEAIEECLINDPWVLLNASWFNSFLTHALR
;
_entity_poly.pdbx_strand_id   A
#
loop_
_chem_comp.id
_chem_comp.type
_chem_comp.name
_chem_comp.formula
6B1 non-polymer (5,6-dichloro-1H-benzimidazol-2-yl)methanol 'C8 H6 Cl2 N2 O'
CL non-polymer 'CHLORIDE ION' 'Cl -1'
DMS non-polymer 'DIMETHYL SULFOXIDE' 'C2 H6 O S'
#
# COMPACT_ATOMS: atom_id res chain seq x y z
N PRO A 13 -32.66 -10.19 3.76
CA PRO A 13 -33.00 -11.17 4.79
C PRO A 13 -32.05 -12.39 4.83
N ARG A 14 -31.23 -12.56 3.81
CA ARG A 14 -30.32 -13.69 3.70
C ARG A 14 -28.91 -13.21 3.39
N PRO A 15 -27.88 -13.97 3.78
CA PRO A 15 -26.51 -13.53 3.53
C PRO A 15 -26.16 -13.59 2.06
N LEU A 16 -25.22 -12.72 1.67
CA LEU A 16 -24.76 -12.67 0.28
C LEU A 16 -24.07 -13.97 -0.10
N ARG A 17 -24.15 -14.32 -1.39
CA ARG A 17 -23.50 -15.51 -1.91
C ARG A 17 -22.14 -15.09 -2.47
N LEU A 18 -21.06 -15.53 -1.81
CA LEU A 18 -19.73 -15.24 -2.33
C LEU A 18 -19.30 -16.34 -3.30
N PRO A 19 -18.58 -15.97 -4.36
CA PRO A 19 -18.29 -16.94 -5.43
C PRO A 19 -17.41 -18.08 -4.93
N ASP A 20 -17.60 -19.24 -5.55
CA ASP A 20 -16.72 -20.39 -5.33
C ASP A 20 -15.61 -20.39 -6.39
N GLY A 21 -14.45 -20.92 -6.00
CA GLY A 21 -13.34 -21.01 -6.92
C GLY A 21 -11.99 -21.00 -6.22
N PRO A 22 -10.92 -20.94 -7.03
CA PRO A 22 -9.58 -20.90 -6.43
C PRO A 22 -9.39 -19.60 -5.66
N PRO A 23 -8.58 -19.61 -4.61
CA PRO A 23 -8.42 -18.39 -3.80
C PRO A 23 -7.98 -17.19 -4.62
N CYS A 24 -8.43 -16.02 -4.20
CA CYS A 24 -8.04 -14.78 -4.84
C CYS A 24 -6.56 -14.48 -4.58
N SER A 25 -6.00 -13.61 -5.43
CA SER A 25 -4.56 -13.36 -5.43
C SER A 25 -4.28 -11.86 -5.29
N GLN A 26 -3.06 -11.55 -4.88
CA GLN A 26 -2.62 -10.19 -4.69
C GLN A 26 -2.69 -9.41 -6.00
N ARG A 27 -3.25 -8.20 -5.93
CA ARG A 27 -3.35 -7.34 -7.10
C ARG A 27 -2.98 -5.90 -6.78
N SER A 28 -2.43 -5.60 -5.61
CA SER A 28 -1.96 -4.26 -5.32
C SER A 28 -0.78 -3.88 -6.23
N LYS A 29 -0.53 -2.58 -6.32
CA LYS A 29 0.55 -2.06 -7.16
C LYS A 29 1.95 -2.30 -6.56
N PHE A 30 2.02 -2.45 -5.24
CA PHE A 30 3.26 -2.77 -4.57
C PHE A 30 2.93 -3.68 -3.40
N LEU A 31 3.94 -4.35 -2.84
CA LEU A 31 3.70 -5.21 -1.69
C LEU A 31 3.18 -4.40 -0.50
N LEU A 32 2.37 -5.06 0.36
CA LEU A 32 1.82 -4.41 1.55
C LEU A 32 2.47 -5.04 2.78
N MET A 33 1.81 -5.96 3.48
CA MET A 33 2.40 -6.57 4.68
C MET A 33 3.70 -7.30 4.40
N ASP A 34 3.93 -7.77 3.17
CA ASP A 34 5.11 -8.57 2.85
C ASP A 34 6.34 -7.74 2.49
N ALA A 35 6.23 -6.42 2.41
CA ALA A 35 7.36 -5.64 1.96
C ALA A 35 8.53 -5.75 2.95
N LEU A 36 9.71 -5.43 2.47
CA LEU A 36 10.92 -5.43 3.28
C LEU A 36 11.75 -4.23 2.87
N LYS A 37 12.33 -3.56 3.85
CA LYS A 37 13.03 -2.30 3.67
C LYS A 37 14.53 -2.46 3.93
N LEU A 38 15.34 -1.98 3.00
CA LEU A 38 16.74 -1.68 3.28
C LEU A 38 16.81 -0.19 3.60
N SER A 39 17.36 0.15 4.77
CA SER A 39 17.25 1.49 5.32
C SER A 39 18.62 2.04 5.68
N ILE A 40 18.74 3.36 5.53
CA ILE A 40 19.87 4.14 6.00
C ILE A 40 19.34 5.17 7.00
N GLU A 41 20.17 5.48 7.99
CA GLU A 41 19.76 6.37 9.06
C GLU A 41 20.41 7.74 8.89
N ASP A 42 19.71 8.77 9.38
CA ASP A 42 20.06 10.19 9.34
C ASP A 42 20.92 10.51 8.14
N PRO A 43 20.43 10.25 6.92
CA PRO A 43 21.30 10.30 5.73
C PRO A 43 22.12 11.58 5.67
N SER A 44 23.39 11.43 5.31
CA SER A 44 24.29 12.57 5.16
C SER A 44 25.28 12.41 4.00
N HIS A 45 25.09 11.43 3.11
CA HIS A 45 26.00 11.27 1.99
C HIS A 45 25.85 12.43 1.01
N GLU A 46 26.83 12.56 0.11
CA GLU A 46 26.76 13.59 -0.93
C GLU A 46 25.57 13.32 -1.84
N GLY A 47 24.71 14.33 -2.00
CA GLY A 47 23.50 14.17 -2.78
C GLY A 47 22.32 13.56 -2.06
N GLU A 48 22.20 13.76 -0.74
CA GLU A 48 21.03 13.28 -0.02
C GLU A 48 19.76 13.89 -0.60
N GLY A 49 18.76 13.04 -0.85
CA GLY A 49 17.52 13.47 -1.46
C GLY A 49 17.41 13.18 -2.93
N ILE A 50 18.46 12.71 -3.59
CA ILE A 50 18.39 12.19 -4.95
C ILE A 50 18.04 10.71 -4.87
N PRO A 51 16.88 10.28 -5.36
CA PRO A 51 16.42 8.89 -5.10
C PRO A 51 17.43 7.81 -5.49
N LEU A 52 18.06 7.94 -6.65
CA LEU A 52 19.03 6.92 -7.06
C LEU A 52 20.18 6.84 -6.07
N TYR A 53 20.70 7.98 -5.62
CA TYR A 53 21.77 8.00 -4.63
C TYR A 53 21.33 7.34 -3.32
N ASP A 54 20.14 7.71 -2.83
CA ASP A 54 19.57 7.03 -1.67
C ASP A 54 19.47 5.53 -1.90
N ALA A 55 19.03 5.09 -3.09
CA ALA A 55 18.85 3.67 -3.32
C ALA A 55 20.18 2.92 -3.25
N ILE A 56 21.24 3.50 -3.83
CA ILE A 56 22.53 2.83 -3.82
C ILE A 56 23.08 2.74 -2.39
N LYS A 57 22.94 3.82 -1.62
CA LYS A 57 23.36 3.78 -0.22
C LYS A 57 22.55 2.73 0.56
N CYS A 58 21.25 2.61 0.29
CA CYS A 58 20.49 1.54 0.94
C CYS A 58 21.00 0.18 0.50
N MET A 59 21.31 0.02 -0.79
CA MET A 59 21.81 -1.26 -1.27
C MET A 59 23.13 -1.64 -0.60
N ARG A 60 24.01 -0.65 -0.38
CA ARG A 60 25.33 -0.95 0.17
C ARG A 60 25.26 -1.45 1.61
N THR A 61 24.21 -1.11 2.36
CA THR A 61 24.09 -1.60 3.73
C THR A 61 23.91 -3.11 3.81
N PHE A 62 23.60 -3.78 2.71
CA PHE A 62 23.27 -5.20 2.73
C PHE A 62 24.41 -5.97 2.06
N PHE A 63 24.90 -7.00 2.75
CA PHE A 63 26.03 -7.78 2.28
C PHE A 63 25.65 -9.24 2.06
N GLY A 64 24.37 -9.58 2.13
CA GLY A 64 23.93 -10.95 2.04
C GLY A 64 23.46 -11.40 0.68
N TRP A 65 23.69 -10.62 -0.37
CA TRP A 65 23.27 -11.00 -1.72
C TRP A 65 23.89 -12.34 -2.10
N LYS A 66 23.24 -13.04 -3.00
CA LYS A 66 23.79 -14.27 -3.54
C LYS A 66 23.23 -14.48 -4.93
N GLU A 67 23.76 -15.46 -5.64
CA GLU A 67 23.31 -15.74 -6.98
C GLU A 67 21.80 -15.98 -6.97
N PRO A 68 21.02 -15.17 -7.68
CA PRO A 68 19.57 -15.32 -7.61
C PRO A 68 19.06 -16.51 -8.41
N ASN A 69 17.94 -17.06 -7.95
CA ASN A 69 17.26 -18.15 -8.63
CA ASN A 69 17.26 -18.13 -8.67
C ASN A 69 15.76 -18.01 -8.41
N VAL A 70 14.98 -18.60 -9.31
CA VAL A 70 13.52 -18.65 -9.15
C VAL A 70 13.18 -19.67 -8.07
N VAL A 71 12.31 -19.27 -7.12
CA VAL A 71 11.74 -20.22 -6.16
C VAL A 71 10.22 -20.37 -6.29
N LYS A 72 9.53 -19.43 -6.92
CA LYS A 72 8.10 -19.58 -7.21
C LYS A 72 7.89 -19.00 -8.59
N PRO A 73 7.80 -19.85 -9.61
CA PRO A 73 7.68 -19.34 -10.98
C PRO A 73 6.32 -18.71 -11.23
N HIS A 74 6.32 -17.71 -12.12
CA HIS A 74 5.09 -17.16 -12.65
C HIS A 74 4.56 -18.13 -13.71
N GLU A 75 3.33 -18.60 -13.51
CA GLU A 75 2.85 -19.68 -14.37
C GLU A 75 2.63 -19.21 -15.81
N LYS A 76 2.30 -17.95 -16.03
CA LYS A 76 2.00 -17.48 -17.37
C LYS A 76 3.09 -16.61 -17.98
N GLY A 77 4.21 -16.41 -17.28
CA GLY A 77 5.25 -15.51 -17.73
C GLY A 77 6.51 -16.26 -18.13
N ILE A 78 7.48 -15.49 -18.61
CA ILE A 78 8.76 -16.06 -19.05
C ILE A 78 9.74 -15.86 -17.90
N ASN A 79 9.84 -16.87 -17.05
CA ASN A 79 10.61 -16.73 -15.83
C ASN A 79 12.09 -16.42 -16.03
N PRO A 80 12.79 -16.95 -17.04
CA PRO A 80 14.17 -16.51 -17.27
C PRO A 80 14.31 -15.00 -17.46
N ASN A 81 13.31 -14.36 -18.06
CA ASN A 81 13.38 -12.92 -18.30
C ASN A 81 13.30 -12.12 -17.00
N TYR A 82 12.44 -12.55 -16.07
CA TYR A 82 12.41 -11.87 -14.77
C TYR A 82 13.73 -12.03 -14.04
N LEU A 83 14.31 -13.23 -14.06
CA LEU A 83 15.63 -13.42 -13.47
C LEU A 83 16.67 -12.52 -14.13
N LEU A 84 16.70 -12.53 -15.47
CA LEU A 84 17.68 -11.70 -16.19
C LEU A 84 17.49 -10.22 -15.86
N SER A 85 16.23 -9.80 -15.66
CA SER A 85 15.95 -8.40 -15.37
C SER A 85 16.51 -7.99 -14.02
N TRP A 86 16.43 -8.87 -13.02
CA TRP A 86 17.00 -8.52 -11.72
C TRP A 86 18.51 -8.49 -11.77
N LYS A 87 19.12 -9.47 -12.46
CA LYS A 87 20.56 -9.44 -12.63
C LYS A 87 21.00 -8.20 -13.39
N GLN A 88 20.19 -7.73 -14.36
CA GLN A 88 20.53 -6.49 -15.04
C GLN A 88 20.48 -5.28 -14.09
N VAL A 89 19.51 -5.24 -13.18
CA VAL A 89 19.48 -4.15 -12.19
C VAL A 89 20.75 -4.13 -11.36
N LEU A 90 21.14 -5.28 -10.81
CA LEU A 90 22.37 -5.33 -9.99
C LEU A 90 23.58 -4.90 -10.80
N ALA A 91 23.68 -5.33 -12.04
CA ALA A 91 24.85 -5.03 -12.86
C ALA A 91 24.90 -3.55 -13.24
N GLU A 92 23.74 -2.94 -13.53
CA GLU A 92 23.74 -1.53 -13.90
C GLU A 92 23.93 -0.61 -12.69
N LEU A 93 23.55 -1.06 -11.50
CA LEU A 93 23.93 -0.34 -10.29
C LEU A 93 25.42 -0.54 -10.02
N GLN A 94 25.96 -1.70 -10.38
CA GLN A 94 27.40 -1.90 -10.28
C GLN A 94 28.16 -1.04 -11.29
N ASP A 95 27.57 -0.77 -12.45
CA ASP A 95 28.20 0.15 -13.40
C ASP A 95 28.29 1.54 -12.80
N ILE A 96 27.18 2.02 -12.23
CA ILE A 96 27.15 3.31 -11.56
C ILE A 96 28.20 3.40 -10.45
N GLU A 97 28.52 2.27 -9.81
CA GLU A 97 29.54 2.30 -8.76
C GLU A 97 30.91 2.67 -9.31
N ASN A 98 31.15 2.41 -10.59
CA ASN A 98 32.46 2.65 -11.18
C ASN A 98 32.63 4.07 -11.67
N GLU A 99 31.54 4.73 -12.08
CA GLU A 99 31.61 6.10 -12.56
C GLU A 99 31.95 7.05 -11.40
N GLU A 100 32.53 8.20 -11.75
CA GLU A 100 32.97 9.15 -10.75
C GLU A 100 31.77 9.86 -10.11
N LYS A 101 30.91 10.45 -10.93
CA LYS A 101 29.69 11.08 -10.45
C LYS A 101 28.53 10.11 -10.62
N ILE A 102 27.80 9.87 -9.53
CA ILE A 102 26.57 9.11 -9.61
C ILE A 102 25.56 9.96 -10.38
N PRO A 103 25.01 9.46 -11.49
CA PRO A 103 24.07 10.27 -12.26
C PRO A 103 22.79 10.47 -11.48
N ARG A 104 22.02 11.49 -11.88
CA ARG A 104 20.79 11.77 -11.18
C ARG A 104 19.77 10.65 -11.42
N THR A 105 19.65 10.19 -12.65
CA THR A 105 18.78 9.07 -13.01
C THR A 105 19.57 8.03 -13.80
N LYS A 106 18.98 6.84 -13.92
CA LYS A 106 19.60 5.70 -14.59
C LYS A 106 18.58 5.15 -15.57
N ASN A 107 18.92 5.14 -16.85
CA ASN A 107 18.07 4.54 -17.88
C ASN A 107 18.65 3.19 -18.25
N MET A 108 17.83 2.14 -18.09
CA MET A 108 18.28 0.78 -18.30
C MET A 108 18.47 0.51 -19.80
N LYS A 109 19.45 -0.34 -20.09
CA LYS A 109 19.59 -0.85 -21.45
C LYS A 109 18.30 -1.54 -21.87
N LYS A 110 17.96 -1.38 -23.15
CA LYS A 110 16.75 -1.98 -23.70
C LYS A 110 17.06 -3.41 -24.14
N THR A 111 17.29 -4.26 -23.13
CA THR A 111 17.58 -5.66 -23.33
C THR A 111 16.33 -6.42 -23.77
N SER A 112 16.54 -7.63 -24.28
CA SER A 112 15.41 -8.46 -24.67
C SER A 112 14.52 -8.81 -23.47
N GLN A 113 15.11 -9.14 -22.32
CA GLN A 113 14.29 -9.42 -21.13
C GLN A 113 13.42 -8.23 -20.74
N LEU A 114 13.96 -7.01 -20.80
CA LEU A 114 13.12 -5.85 -20.42
C LEU A 114 12.11 -5.52 -21.50
N LYS A 115 12.45 -5.73 -22.78
CA LYS A 115 11.47 -5.51 -23.84
C LYS A 115 10.31 -6.47 -23.70
N TRP A 116 10.58 -7.75 -23.38
CA TRP A 116 9.50 -8.68 -23.13
C TRP A 116 8.72 -8.27 -21.89
N ALA A 117 9.42 -7.99 -20.79
CA ALA A 117 8.69 -7.73 -19.54
C ALA A 117 7.85 -6.46 -19.65
N LEU A 118 8.30 -5.46 -20.41
CA LEU A 118 7.58 -4.20 -20.55
C LEU A 118 6.59 -4.21 -21.71
N GLY A 119 6.40 -5.35 -22.37
CA GLY A 119 5.37 -5.44 -23.39
C GLY A 119 5.65 -4.69 -24.67
N GLU A 120 6.92 -4.43 -24.98
CA GLU A 120 7.30 -3.80 -26.26
C GLU A 120 7.77 -4.81 -27.30
N GLU A 147 -12.87 -14.82 -14.39
CA GLU A 147 -12.78 -16.05 -13.61
C GLU A 147 -13.12 -15.80 -12.14
N LEU A 148 -13.97 -16.66 -11.58
CA LEU A 148 -14.42 -16.49 -10.21
C LEU A 148 -13.35 -16.96 -9.23
N ARG A 149 -13.13 -16.17 -8.18
CA ARG A 149 -12.20 -16.50 -7.12
CA ARG A 149 -12.20 -16.48 -7.11
C ARG A 149 -12.91 -16.39 -5.78
N SER A 150 -12.47 -17.20 -4.84
CA SER A 150 -13.04 -17.22 -3.50
C SER A 150 -12.18 -16.37 -2.55
N LEU A 151 -12.81 -15.94 -1.48
CA LEU A 151 -12.12 -15.20 -0.43
C LEU A 151 -11.00 -16.04 0.16
N ALA A 152 -9.78 -15.53 0.13
CA ALA A 152 -8.69 -16.15 0.84
C ALA A 152 -8.43 -15.36 2.12
N SER A 153 -7.87 -16.03 3.14
CA SER A 153 -7.62 -15.36 4.42
C SER A 153 -6.59 -14.24 4.35
N TRP A 154 -5.76 -14.19 3.31
CA TRP A 154 -4.64 -13.24 3.35
C TRP A 154 -5.10 -11.78 3.30
N ILE A 155 -6.28 -11.50 2.72
CA ILE A 155 -6.66 -10.08 2.59
C ILE A 155 -7.11 -9.53 3.94
N GLN A 156 -7.87 -10.31 4.72
CA GLN A 156 -8.15 -9.94 6.11
C GLN A 156 -6.85 -9.73 6.91
N ASN A 157 -5.87 -10.62 6.74
CA ASN A 157 -4.59 -10.43 7.43
C ASN A 157 -3.91 -9.14 6.99
N GLU A 158 -3.95 -8.82 5.70
CA GLU A 158 -3.42 -7.53 5.21
C GLU A 158 -4.09 -6.37 5.92
N PHE A 159 -5.43 -6.42 5.99
CA PHE A 159 -6.15 -5.33 6.62
C PHE A 159 -5.79 -5.19 8.09
N ASN A 160 -5.71 -6.30 8.81
CA ASN A 160 -5.26 -6.27 10.20
C ASN A 160 -3.88 -5.62 10.31
N LYS A 161 -2.95 -6.00 9.42
CA LYS A 161 -1.61 -5.41 9.45
C LYS A 161 -1.65 -3.91 9.18
N ALA A 162 -2.50 -3.49 8.26
CA ALA A 162 -2.60 -2.06 7.94
C ALA A 162 -3.08 -1.24 9.14
N CYS A 163 -3.83 -1.86 10.07
CA CYS A 163 -4.32 -1.14 11.25
C CYS A 163 -3.28 -0.99 12.35
N GLU A 164 -2.19 -1.74 12.30
CA GLU A 164 -1.25 -1.79 13.40
C GLU A 164 -0.39 -0.53 13.45
N LEU A 165 0.23 -0.33 14.61
CA LEU A 165 1.20 0.72 14.79
C LEU A 165 2.59 0.22 14.41
N THR A 166 3.37 1.07 13.77
CA THR A 166 4.78 0.80 13.52
C THR A 166 5.61 1.60 14.51
N ASP A 167 6.91 1.30 14.58
CA ASP A 167 7.77 2.00 15.52
C ASP A 167 8.37 3.29 14.93
N SER A 168 7.79 3.81 13.85
CA SER A 168 8.28 4.99 13.16
C SER A 168 7.10 5.85 12.75
N SER A 169 7.34 7.15 12.61
CA SER A 169 6.30 8.08 12.16
C SER A 169 6.50 8.39 10.69
N TRP A 170 5.38 8.45 9.96
CA TRP A 170 5.39 8.56 8.51
C TRP A 170 4.95 9.92 7.99
N ILE A 171 4.44 10.80 8.87
CA ILE A 171 3.97 12.12 8.46
C ILE A 171 4.42 13.14 9.50
N GLU A 172 4.44 14.40 9.08
CA GLU A 172 4.73 15.49 9.99
C GLU A 172 3.47 15.88 10.76
N LEU A 173 3.67 16.62 11.85
CA LEU A 173 2.55 16.99 12.70
C LEU A 173 1.48 17.78 11.94
N ASP A 174 1.87 18.57 10.94
CA ASP A 174 0.93 19.38 10.18
C ASP A 174 0.65 18.81 8.79
N GLU A 175 0.81 17.49 8.64
CA GLU A 175 0.62 16.87 7.33
C GLU A 175 -0.82 17.03 6.85
N ILE A 176 -1.77 16.85 7.75
CA ILE A 176 -3.17 16.69 7.38
C ILE A 176 -3.80 18.06 7.16
N GLY A 177 -4.55 18.18 6.07
CA GLY A 177 -5.20 19.43 5.73
C GLY A 177 -4.40 20.24 4.73
N GLU A 178 -5.11 21.12 4.02
CA GLU A 178 -4.50 22.03 3.06
C GLU A 178 -5.14 23.40 3.17
N ASP A 179 -5.48 23.80 4.38
CA ASP A 179 -6.19 25.06 4.60
C ASP A 179 -5.31 26.25 4.22
N ALA A 180 -5.94 27.28 3.65
CA ALA A 180 -5.22 28.52 3.35
C ALA A 180 -4.93 29.31 4.61
N ALA A 181 -5.88 29.34 5.53
CA ALA A 181 -5.87 30.18 6.71
C ALA A 181 -5.50 29.38 7.94
N PRO A 182 -5.13 30.05 9.04
CA PRO A 182 -4.87 29.32 10.29
C PRO A 182 -6.13 28.61 10.78
N ILE A 183 -5.95 27.44 11.35
CA ILE A 183 -7.10 26.66 11.77
C ILE A 183 -7.55 27.08 13.16
N GLU A 184 -8.85 27.01 13.37
CA GLU A 184 -9.47 27.28 14.66
C GLU A 184 -8.92 26.36 15.74
N HIS A 185 -9.23 26.70 16.99
CA HIS A 185 -8.71 25.94 18.12
C HIS A 185 -9.24 24.52 18.13
N ILE A 186 -10.54 24.34 17.92
CA ILE A 186 -11.13 23.01 18.03
C ILE A 186 -10.65 22.12 16.88
N ALA A 187 -10.64 22.65 15.66
CA ALA A 187 -10.16 21.87 14.52
C ALA A 187 -8.72 21.45 14.73
N SER A 188 -7.88 22.36 15.26
CA SER A 188 -6.50 22.02 15.54
C SER A 188 -6.38 20.91 16.59
N MET A 189 -7.13 21.04 17.68
CA MET A 189 -7.12 20.02 18.73
C MET A 189 -7.49 18.66 18.18
N ARG A 190 -8.58 18.58 17.40
CA ARG A 190 -9.00 17.33 16.80
C ARG A 190 -7.93 16.77 15.87
N ARG A 191 -7.30 17.65 15.08
CA ARG A 191 -6.26 17.20 14.16
C ARG A 191 -5.05 16.68 14.92
N ASN A 192 -4.68 17.34 16.01
CA ASN A 192 -3.50 16.90 16.76
C ASN A 192 -3.75 15.55 17.44
N TYR A 193 -4.95 15.36 18.01
CA TYR A 193 -5.31 14.07 18.58
C TYR A 193 -5.27 12.97 17.53
N PHE A 194 -5.93 13.20 16.39
CA PHE A 194 -6.03 12.22 15.34
C PHE A 194 -4.65 11.88 14.78
N THR A 195 -3.85 12.91 14.50
CA THR A 195 -2.50 12.69 13.99
C THR A 195 -1.67 11.84 14.94
N ALA A 196 -1.79 12.08 16.25
CA ALA A 196 -1.04 11.28 17.22
C ALA A 196 -1.42 9.81 17.14
N GLU A 197 -2.67 9.51 16.76
CA GLU A 197 -3.12 8.13 16.68
C GLU A 197 -2.76 7.45 15.36
N VAL A 198 -2.55 8.20 14.27
CA VAL A 198 -2.35 7.58 12.97
C VAL A 198 -0.96 7.85 12.38
N SER A 199 -0.14 8.69 13.00
CA SER A 199 1.14 9.05 12.40
C SER A 199 2.08 7.84 12.28
N HIS A 200 2.00 6.89 13.20
CA HIS A 200 2.84 5.71 13.19
C HIS A 200 2.15 4.52 12.56
N CYS A 201 0.93 4.71 12.07
CA CYS A 201 0.12 3.59 11.60
C CYS A 201 0.74 3.00 10.32
N ARG A 202 0.65 1.68 10.19
CA ARG A 202 1.12 1.02 8.98
C ARG A 202 0.39 1.57 7.75
N ALA A 203 -0.91 1.85 7.87
CA ALA A 203 -1.64 2.37 6.72
C ALA A 203 -1.07 3.71 6.28
N THR A 204 -0.46 4.46 7.20
CA THR A 204 0.16 5.72 6.83
C THR A 204 1.44 5.48 6.04
N GLU A 205 2.20 4.47 6.42
CA GLU A 205 3.35 4.08 5.60
C GLU A 205 2.90 3.79 4.17
N TYR A 206 1.79 3.07 4.01
CA TYR A 206 1.30 2.74 2.67
C TYR A 206 0.93 4.00 1.90
N ILE A 207 0.30 4.96 2.58
CA ILE A 207 0.02 6.24 1.96
C ILE A 207 1.30 6.87 1.40
N MET A 208 2.32 7.02 2.26
CA MET A 208 3.50 7.78 1.84
C MET A 208 4.31 6.98 0.83
N LYS A 209 4.39 5.66 1.02
CA LYS A 209 4.97 4.78 0.02
C LYS A 209 4.27 4.96 -1.32
N GLY A 210 2.94 4.98 -1.29
CA GLY A 210 2.20 5.13 -2.53
C GLY A 210 2.36 6.50 -3.15
N VAL A 211 2.35 7.54 -2.31
CA VAL A 211 2.55 8.90 -2.82
C VAL A 211 3.91 9.00 -3.50
N TYR A 212 4.97 8.47 -2.87
CA TYR A 212 6.30 8.60 -3.44
CA TYR A 212 6.31 8.60 -3.44
C TYR A 212 6.42 7.90 -4.79
N ILE A 213 5.99 6.63 -4.86
CA ILE A 213 6.24 5.88 -6.07
C ILE A 213 5.35 6.36 -7.21
N ASN A 214 4.14 6.85 -6.91
CA ASN A 214 3.31 7.39 -7.98
C ASN A 214 3.85 8.73 -8.47
N THR A 215 4.39 9.54 -7.57
CA THR A 215 5.00 10.79 -8.00
C THR A 215 6.22 10.52 -8.87
N ALA A 216 7.06 9.57 -8.48
CA ALA A 216 8.28 9.30 -9.24
C ALA A 216 7.93 8.74 -10.60
N LEU A 217 6.94 7.83 -10.67
CA LEU A 217 6.59 7.23 -11.95
C LEU A 217 5.89 8.23 -12.87
N LEU A 218 4.94 9.01 -12.32
CA LEU A 218 4.29 10.03 -13.14
C LEU A 218 5.30 11.04 -13.64
N ASN A 219 6.22 11.47 -12.77
CA ASN A 219 7.25 12.41 -13.20
C ASN A 219 8.13 11.80 -14.31
N ALA A 220 8.60 10.57 -14.10
CA ALA A 220 9.43 9.93 -15.14
C ALA A 220 8.66 9.69 -16.43
N SER A 221 7.34 9.59 -16.34
CA SER A 221 6.52 9.34 -17.51
C SER A 221 6.60 10.45 -18.53
N CYS A 222 6.79 11.72 -18.12
CA CYS A 222 7.00 12.75 -19.12
C CYS A 222 8.44 13.25 -19.18
N ALA A 223 9.20 13.15 -18.10
CA ALA A 223 10.60 13.56 -18.14
C ALA A 223 11.50 12.57 -18.89
N ALA A 224 11.07 11.32 -19.06
CA ALA A 224 11.89 10.31 -19.74
C ALA A 224 11.02 9.34 -20.53
N MET A 225 10.33 9.86 -21.55
CA MET A 225 9.25 9.12 -22.19
C MET A 225 9.72 7.85 -22.88
N ASP A 226 10.88 7.88 -23.53
CA ASP A 226 11.34 6.76 -24.33
C ASP A 226 12.28 5.82 -23.57
N ASP A 227 12.58 6.11 -22.31
CA ASP A 227 13.60 5.39 -21.57
C ASP A 227 12.98 4.36 -20.63
N PHE A 228 13.63 3.19 -20.55
CA PHE A 228 13.34 2.21 -19.50
C PHE A 228 14.05 2.70 -18.24
N GLN A 229 13.45 3.68 -17.59
CA GLN A 229 14.10 4.28 -16.43
C GLN A 229 13.93 3.40 -15.19
N LEU A 230 15.03 3.22 -14.46
CA LEU A 230 15.05 2.56 -13.18
C LEU A 230 14.60 3.54 -12.09
N ILE A 231 13.51 3.21 -11.42
CA ILE A 231 12.87 4.09 -10.45
C ILE A 231 12.82 3.41 -9.09
N PRO A 232 13.68 3.82 -8.15
CA PRO A 232 13.64 3.21 -6.81
C PRO A 232 12.29 3.44 -6.12
N MET A 233 11.92 2.48 -5.27
CA MET A 233 10.75 2.60 -4.40
C MET A 233 11.24 3.02 -3.02
N ILE A 234 10.98 4.28 -2.67
CA ILE A 234 11.52 4.92 -1.47
CA ILE A 234 11.52 4.87 -1.45
C ILE A 234 10.38 5.35 -0.55
N SER A 235 10.65 5.38 0.76
CA SER A 235 9.83 6.09 1.73
C SER A 235 10.76 6.69 2.79
N LYS A 236 10.22 7.64 3.54
CA LYS A 236 10.98 8.30 4.61
C LYS A 236 10.17 8.33 5.89
N CYS A 237 10.84 8.04 7.00
CA CYS A 237 10.19 8.03 8.30
C CYS A 237 11.17 8.57 9.34
N ARG A 238 10.67 8.68 10.58
CA ARG A 238 11.43 9.20 11.70
C ARG A 238 11.28 8.19 12.84
N THR A 239 12.39 7.69 13.36
CA THR A 239 12.33 6.70 14.43
C THR A 239 11.77 7.34 15.70
N LYS A 240 11.45 6.49 16.67
CA LYS A 240 10.95 6.97 17.96
C LYS A 240 11.93 7.92 18.62
N GLU A 241 13.23 7.73 18.38
CA GLU A 241 14.26 8.61 18.93
C GLU A 241 14.45 9.87 18.11
N GLY A 242 13.66 10.09 17.06
CA GLY A 242 13.73 11.31 16.27
C GLY A 242 14.67 11.25 15.09
N ARG A 243 15.36 10.13 14.87
CA ARG A 243 16.29 10.03 13.76
C ARG A 243 15.53 9.86 12.44
N ARG A 244 15.89 10.65 11.44
CA ARG A 244 15.29 10.53 10.12
C ARG A 244 15.90 9.33 9.40
N LYS A 245 15.05 8.59 8.68
CA LYS A 245 15.49 7.35 8.05
C LYS A 245 14.95 7.28 6.63
N THR A 246 15.73 6.70 5.72
CA THR A 246 15.36 6.56 4.32
C THR A 246 15.29 5.07 3.97
N ASN A 247 14.17 4.66 3.35
CA ASN A 247 13.86 3.25 3.15
C ASN A 247 13.77 2.90 1.67
N LEU A 248 14.33 1.76 1.28
CA LEU A 248 14.23 1.25 -0.07
C LEU A 248 13.47 -0.07 -0.03
N TYR A 249 12.35 -0.13 -0.75
CA TYR A 249 11.54 -1.35 -0.84
C TYR A 249 11.93 -2.22 -2.02
N GLY A 250 12.61 -1.65 -3.00
CA GLY A 250 12.82 -2.29 -4.27
C GLY A 250 12.88 -1.24 -5.38
N PHE A 251 12.60 -1.70 -6.59
CA PHE A 251 12.67 -0.84 -7.77
C PHE A 251 11.54 -1.18 -8.70
N ILE A 252 11.12 -0.18 -9.47
CA ILE A 252 10.38 -0.48 -10.68
C ILE A 252 11.19 0.01 -11.87
N ILE A 253 10.93 -0.60 -13.01
CA ILE A 253 11.45 -0.15 -14.30
C ILE A 253 10.24 0.16 -15.17
N LYS A 254 10.17 1.37 -15.69
CA LYS A 254 9.03 1.74 -16.53
C LYS A 254 9.34 1.51 -18.00
N GLY A 255 8.30 1.25 -18.77
CA GLY A 255 8.40 1.16 -20.20
C GLY A 255 8.25 2.53 -20.86
N ARG A 256 8.08 2.51 -22.18
CA ARG A 256 7.77 3.73 -22.90
C ARG A 256 6.45 4.31 -22.39
N SER A 257 6.40 5.64 -22.32
CA SER A 257 5.28 6.33 -21.69
C SER A 257 5.03 7.62 -22.48
N HIS A 258 4.37 7.48 -23.62
CA HIS A 258 3.83 8.65 -24.33
C HIS A 258 2.36 8.73 -23.96
N LEU A 259 2.09 9.36 -22.82
CA LEU A 259 0.76 9.35 -22.23
C LEU A 259 0.01 10.58 -22.71
N ARG A 260 -0.68 10.42 -23.85
CA ARG A 260 -1.39 11.53 -24.44
C ARG A 260 -2.69 11.85 -23.69
N ASN A 261 -3.25 10.90 -22.94
CA ASN A 261 -4.48 11.15 -22.20
C ASN A 261 -4.43 10.46 -20.84
N ASP A 262 -5.51 10.61 -20.07
CA ASP A 262 -5.54 10.17 -18.69
C ASP A 262 -5.55 8.65 -18.57
N THR A 263 -6.11 7.95 -19.55
CA THR A 263 -6.29 6.51 -19.51
C THR A 263 -5.18 5.74 -20.22
N ASP A 264 -4.24 6.41 -20.88
CA ASP A 264 -3.12 5.70 -21.50
C ASP A 264 -2.28 5.00 -20.43
N VAL A 265 -1.82 3.80 -20.76
CA VAL A 265 -1.15 2.94 -19.80
C VAL A 265 0.36 3.00 -20.02
N VAL A 266 1.10 3.24 -18.95
CA VAL A 266 2.53 2.95 -18.92
C VAL A 266 2.73 1.60 -18.22
N ASN A 267 3.42 0.67 -18.88
CA ASN A 267 3.79 -0.59 -18.27
C ASN A 267 5.01 -0.41 -17.38
N PHE A 268 5.13 -1.30 -16.40
CA PHE A 268 6.33 -1.30 -15.59
C PHE A 268 6.54 -2.70 -15.02
N VAL A 269 7.77 -2.94 -14.57
CA VAL A 269 8.16 -4.17 -13.89
C VAL A 269 8.56 -3.77 -12.48
N SER A 270 7.95 -4.41 -11.49
CA SER A 270 8.26 -4.17 -10.09
C SER A 270 9.11 -5.30 -9.53
N MET A 271 10.05 -4.94 -8.66
CA MET A 271 10.99 -5.86 -8.05
C MET A 271 11.10 -5.46 -6.58
N GLU A 272 10.55 -6.26 -5.69
CA GLU A 272 10.33 -5.81 -4.33
C GLU A 272 10.89 -6.82 -3.34
N PHE A 273 11.72 -6.34 -2.41
CA PHE A 273 12.28 -7.19 -1.38
C PHE A 273 11.18 -7.77 -0.50
N SER A 274 11.47 -8.92 0.12
CA SER A 274 10.53 -9.52 1.06
C SER A 274 11.23 -10.66 1.79
N LEU A 275 10.78 -10.89 3.03
CA LEU A 275 11.10 -12.11 3.77
C LEU A 275 10.00 -13.15 3.69
N THR A 276 8.89 -12.84 3.01
CA THR A 276 7.79 -13.79 2.89
C THR A 276 8.17 -14.88 1.90
N ASP A 277 8.19 -16.11 2.36
CA ASP A 277 8.42 -17.25 1.48
C ASP A 277 7.18 -17.46 0.63
N PRO A 278 7.24 -17.28 -0.70
CA PRO A 278 6.03 -17.38 -1.52
C PRO A 278 5.38 -18.75 -1.47
N ARG A 279 6.11 -19.78 -1.06
CA ARG A 279 5.59 -21.14 -1.14
C ARG A 279 4.62 -21.47 -0.01
N LEU A 280 4.49 -20.58 0.99
CA LEU A 280 3.52 -20.76 2.06
C LEU A 280 2.09 -20.49 1.58
N GLU A 281 1.91 -19.49 0.71
CA GLU A 281 0.60 -19.09 0.21
C GLU A 281 0.69 -18.83 -1.28
N PRO A 282 1.03 -19.85 -2.08
CA PRO A 282 1.33 -19.56 -3.49
C PRO A 282 0.17 -18.94 -4.24
N HIS A 283 -1.08 -19.26 -3.88
CA HIS A 283 -2.23 -18.66 -4.55
C HIS A 283 -2.22 -17.13 -4.44
N LYS A 284 -1.63 -16.59 -3.38
CA LYS A 284 -1.54 -15.14 -3.26
C LYS A 284 -0.66 -14.53 -4.36
N TRP A 285 0.28 -15.32 -4.88
CA TRP A 285 1.36 -14.82 -5.72
C TRP A 285 1.22 -15.28 -7.17
N GLU A 286 -0.02 -15.53 -7.59
CA GLU A 286 -0.29 -15.97 -8.96
C GLU A 286 0.33 -15.05 -10.00
N LYS A 287 0.42 -13.76 -9.69
CA LYS A 287 0.86 -12.80 -10.70
C LYS A 287 2.37 -12.56 -10.68
N TYR A 288 3.11 -13.25 -9.82
CA TYR A 288 4.51 -12.95 -9.59
C TYR A 288 5.41 -14.10 -10.01
N CYS A 289 6.59 -13.72 -10.46
CA CYS A 289 7.75 -14.59 -10.40
C CYS A 289 8.50 -14.19 -9.13
N VAL A 290 8.85 -15.17 -8.29
CA VAL A 290 9.50 -14.85 -7.03
C VAL A 290 10.89 -15.48 -7.01
N LEU A 291 11.89 -14.65 -6.74
CA LEU A 291 13.29 -15.02 -6.71
C LEU A 291 13.77 -15.10 -5.27
N GLU A 292 14.77 -15.92 -5.04
CA GLU A 292 15.54 -15.85 -3.80
C GLU A 292 16.86 -15.19 -4.16
N VAL A 293 17.20 -14.11 -3.45
CA VAL A 293 18.27 -13.24 -3.92
C VAL A 293 19.31 -12.96 -2.83
N GLY A 294 19.04 -13.38 -1.60
CA GLY A 294 20.02 -13.13 -0.55
C GLY A 294 19.62 -13.84 0.73
N ASP A 295 20.45 -13.63 1.75
CA ASP A 295 20.14 -14.04 3.12
C ASP A 295 20.41 -12.88 4.05
N MET A 296 19.54 -12.71 5.04
CA MET A 296 19.63 -11.57 5.93
C MET A 296 19.72 -12.04 7.38
N LEU A 297 20.53 -11.32 8.17
CA LEU A 297 20.72 -11.61 9.60
C LEU A 297 19.78 -10.74 10.41
N LEU A 298 19.01 -11.37 11.30
CA LEU A 298 17.95 -10.67 12.00
C LEU A 298 18.03 -10.90 13.51
N ARG A 299 17.66 -9.86 14.26
CA ARG A 299 17.27 -10.06 15.65
C ARG A 299 15.85 -10.62 15.67
N SER A 300 15.57 -11.48 16.65
CA SER A 300 14.26 -12.10 16.76
C SER A 300 14.00 -12.44 18.22
N ALA A 301 12.93 -13.20 18.47
CA ALA A 301 12.64 -13.63 19.84
C ALA A 301 13.65 -14.67 20.31
N ILE A 302 14.16 -15.51 19.41
CA ILE A 302 15.39 -16.26 19.67
C ILE A 302 16.55 -15.31 19.41
N GLY A 303 17.77 -15.82 19.35
CA GLY A 303 18.88 -14.95 19.06
C GLY A 303 18.91 -14.45 17.62
N HIS A 304 20.09 -14.07 17.15
CA HIS A 304 20.28 -13.78 15.73
C HIS A 304 19.90 -14.99 14.90
N VAL A 305 19.18 -14.75 13.81
CA VAL A 305 18.78 -15.80 12.87
C VAL A 305 19.01 -15.32 11.46
N SER A 306 19.40 -16.26 10.59
CA SER A 306 19.57 -15.98 9.17
C SER A 306 18.32 -16.43 8.43
N ARG A 307 17.76 -15.53 7.62
CA ARG A 307 16.54 -15.83 6.89
C ARG A 307 16.72 -15.46 5.42
N PRO A 308 16.15 -16.25 4.52
CA PRO A 308 16.29 -15.94 3.10
C PRO A 308 15.56 -14.66 2.76
N MET A 309 16.13 -13.92 1.80
CA MET A 309 15.54 -12.71 1.27
C MET A 309 15.05 -12.98 -0.14
N PHE A 310 13.78 -12.66 -0.39
CA PHE A 310 13.15 -12.92 -1.66
C PHE A 310 12.98 -11.63 -2.45
N LEU A 311 12.69 -11.78 -3.73
CA LEU A 311 12.40 -10.63 -4.59
C LEU A 311 11.16 -11.00 -5.37
N TYR A 312 10.07 -10.26 -5.11
CA TYR A 312 8.80 -10.45 -5.77
C TYR A 312 8.80 -9.62 -7.05
N VAL A 313 8.66 -10.29 -8.20
CA VAL A 313 8.74 -9.67 -9.50
C VAL A 313 7.43 -9.84 -10.23
N ARG A 314 6.86 -8.74 -10.72
CA ARG A 314 5.74 -8.85 -11.64
C ARG A 314 5.78 -7.68 -12.60
N THR A 315 5.08 -7.87 -13.72
CA THR A 315 4.75 -6.80 -14.64
C THR A 315 3.38 -6.25 -14.26
N ASN A 316 3.19 -4.98 -14.56
CA ASN A 316 2.01 -4.27 -14.10
C ASN A 316 1.87 -3.05 -15.00
N GLY A 317 0.86 -2.25 -14.74
CA GLY A 317 0.63 -1.06 -15.53
C GLY A 317 -0.21 -0.11 -14.74
N THR A 318 -0.12 1.16 -15.11
CA THR A 318 -0.95 2.18 -14.49
C THR A 318 -1.08 3.30 -15.52
N SER A 319 -1.91 4.28 -15.21
CA SER A 319 -2.22 5.34 -16.16
C SER A 319 -2.04 6.67 -15.45
N LYS A 320 -2.03 7.74 -16.25
CA LYS A 320 -1.96 9.09 -15.68
C LYS A 320 -2.96 9.28 -14.55
N ILE A 321 -4.23 8.94 -14.80
CA ILE A 321 -5.27 9.27 -13.83
C ILE A 321 -5.10 8.46 -12.55
N LYS A 322 -4.65 7.20 -12.66
CA LYS A 322 -4.37 6.42 -11.45
C LYS A 322 -3.11 6.92 -10.75
N MET A 323 -2.13 7.44 -11.48
CA MET A 323 -0.95 7.95 -10.80
C MET A 323 -1.26 9.26 -10.08
N LYS A 324 -2.18 10.06 -10.65
CA LYS A 324 -2.61 11.28 -9.97
C LYS A 324 -3.38 10.96 -8.70
N TRP A 325 -4.27 9.97 -8.73
CA TRP A 325 -4.92 9.53 -7.51
C TRP A 325 -3.89 8.99 -6.51
N GLY A 326 -2.90 8.22 -7.00
CA GLY A 326 -1.87 7.74 -6.10
C GLY A 326 -1.12 8.87 -5.42
N MET A 327 -0.93 9.99 -6.13
CA MET A 327 -0.26 11.14 -5.53
C MET A 327 -1.14 11.82 -4.49
N GLU A 328 -2.45 11.58 -4.51
CA GLU A 328 -3.39 12.19 -3.58
C GLU A 328 -3.71 11.31 -2.36
N MET A 329 -3.02 10.19 -2.17
CA MET A 329 -3.40 9.27 -1.09
C MET A 329 -3.37 9.91 0.29
N ARG A 330 -2.73 11.07 0.46
CA ARG A 330 -2.78 11.74 1.75
C ARG A 330 -4.19 12.18 2.09
N ARG A 331 -5.06 12.32 1.09
CA ARG A 331 -6.47 12.57 1.35
C ARG A 331 -7.12 11.46 2.17
N CYS A 332 -6.52 10.27 2.21
CA CYS A 332 -7.03 9.23 3.10
C CYS A 332 -6.96 9.69 4.56
N LEU A 333 -5.92 10.43 4.92
CA LEU A 333 -5.81 10.96 6.27
C LEU A 333 -6.91 11.99 6.52
N LEU A 334 -7.16 12.87 5.55
CA LEU A 334 -8.19 13.88 5.73
C LEU A 334 -9.58 13.26 5.76
N GLN A 335 -9.86 12.32 4.85
CA GLN A 335 -11.18 11.69 4.82
C GLN A 335 -11.51 10.97 6.12
N SER A 336 -10.56 10.21 6.67
CA SER A 336 -10.86 9.46 7.88
C SER A 336 -10.90 10.37 9.10
N LEU A 337 -10.13 11.46 9.14
CA LEU A 337 -10.30 12.46 10.18
C LEU A 337 -11.71 13.04 10.17
N GLN A 338 -12.26 13.27 8.97
CA GLN A 338 -13.60 13.86 8.84
C GLN A 338 -14.69 12.90 9.28
N GLN A 339 -14.48 11.60 9.12
CA GLN A 339 -15.40 10.63 9.69
C GLN A 339 -15.34 10.67 11.21
N ILE A 340 -14.15 10.88 11.76
CA ILE A 340 -14.02 11.02 13.22
C ILE A 340 -14.72 12.29 13.68
N GLU A 341 -14.47 13.40 12.99
CA GLU A 341 -15.06 14.67 13.38
C GLU A 341 -16.58 14.64 13.28
N SER A 342 -17.14 13.88 12.32
CA SER A 342 -18.59 13.69 12.30
C SER A 342 -19.06 13.08 13.62
N MET A 343 -18.36 12.05 14.09
CA MET A 343 -18.74 11.41 15.34
C MET A 343 -18.64 12.37 16.52
N ILE A 344 -17.58 13.18 16.56
CA ILE A 344 -17.44 14.13 17.66
C ILE A 344 -18.53 15.18 17.59
N GLU A 345 -18.89 15.62 16.39
CA GLU A 345 -19.92 16.66 16.26
C GLU A 345 -21.28 16.16 16.69
N ALA A 346 -21.59 14.89 16.40
CA ALA A 346 -22.83 14.32 16.89
C ALA A 346 -22.87 14.32 18.41
N GLU A 347 -21.82 13.80 19.05
CA GLU A 347 -21.75 13.78 20.51
C GLU A 347 -21.78 15.18 21.09
N SER A 348 -21.24 16.17 20.35
CA SER A 348 -21.24 17.53 20.84
C SER A 348 -22.63 18.16 20.75
N SER A 349 -23.43 17.75 19.76
CA SER A 349 -24.76 18.30 19.58
C SER A 349 -25.74 17.71 20.60
N VAL A 350 -25.57 16.43 20.94
CA VAL A 350 -26.45 15.81 21.93
C VAL A 350 -26.15 16.33 23.33
N LYS A 351 -24.87 16.60 23.61
CA LYS A 351 -24.44 16.99 24.94
C LYS A 351 -24.20 18.50 25.07
N GLU A 352 -24.51 19.28 24.03
CA GLU A 352 -24.52 20.75 24.07
C GLU A 352 -23.17 21.36 24.48
N LYS A 353 -22.09 20.61 24.36
CA LYS A 353 -20.74 21.12 24.59
C LYS A 353 -19.80 20.38 23.66
N ASP A 354 -18.61 20.93 23.46
CA ASP A 354 -17.65 20.29 22.55
C ASP A 354 -17.07 19.04 23.20
N MET A 355 -17.19 17.90 22.53
CA MET A 355 -16.84 16.61 23.09
C MET A 355 -15.48 16.09 22.61
N THR A 356 -14.61 16.98 22.11
CA THR A 356 -13.35 16.53 21.50
C THR A 356 -12.45 15.82 22.52
N LYS A 357 -12.14 16.50 23.63
CA LYS A 357 -11.32 15.88 24.66
C LYS A 357 -11.99 14.62 25.20
N GLU A 358 -13.28 14.71 25.51
CA GLU A 358 -13.99 13.56 26.05
C GLU A 358 -13.93 12.39 25.07
N PHE A 359 -14.00 12.69 23.78
CA PHE A 359 -13.95 11.64 22.78
C PHE A 359 -12.57 11.00 22.72
N PHE A 360 -11.53 11.81 22.52
CA PHE A 360 -10.21 11.23 22.26
C PHE A 360 -9.57 10.65 23.51
N GLU A 361 -9.93 11.16 24.68
CA GLU A 361 -9.40 10.61 25.94
C GLU A 361 -10.31 9.51 26.50
N ASN A 362 -11.46 9.25 25.87
CA ASN A 362 -12.35 8.16 26.23
C ASN A 362 -12.80 8.29 27.70
N LYS A 363 -13.66 9.29 27.92
CA LYS A 363 -14.05 9.72 29.27
C LYS A 363 -14.70 8.60 30.08
N GLU A 371 -27.55 8.69 28.39
CA GLU A 371 -26.69 7.55 28.05
C GLU A 371 -25.41 7.99 27.34
N SER A 372 -24.24 7.92 28.09
CA SER A 372 -22.89 8.14 27.58
C SER A 372 -22.22 6.80 27.27
N PRO A 373 -21.43 6.72 26.20
CA PRO A 373 -20.73 5.47 25.89
C PRO A 373 -19.83 5.05 27.04
N LYS A 374 -19.69 3.73 27.21
CA LYS A 374 -18.96 3.13 28.32
C LYS A 374 -17.75 2.34 27.84
N GLY A 375 -17.25 2.66 26.66
CA GLY A 375 -16.10 1.98 26.10
C GLY A 375 -16.13 2.06 24.59
N VAL A 376 -15.11 1.45 23.98
CA VAL A 376 -14.93 1.46 22.54
C VAL A 376 -14.98 0.03 22.03
N GLU A 377 -15.78 -0.20 21.00
CA GLU A 377 -15.95 -1.55 20.45
C GLU A 377 -14.63 -2.10 19.92
N GLU A 378 -13.89 -1.30 19.15
CA GLU A 378 -12.58 -1.71 18.67
C GLU A 378 -11.55 -1.85 19.78
N GLY A 379 -11.86 -1.42 21.00
CA GLY A 379 -10.96 -1.51 22.14
C GLY A 379 -10.34 -0.18 22.56
N SER A 380 -10.12 0.74 21.60
CA SER A 380 -9.57 2.05 21.93
C SER A 380 -9.95 3.05 20.83
N ILE A 381 -9.93 4.33 21.22
CA ILE A 381 -10.08 5.41 20.25
C ILE A 381 -9.01 5.31 19.17
N GLY A 382 -7.78 5.00 19.57
CA GLY A 382 -6.71 4.88 18.60
C GLY A 382 -7.03 3.84 17.54
N LYS A 383 -7.59 2.70 17.95
CA LYS A 383 -7.89 1.63 17.01
C LYS A 383 -9.00 2.05 16.06
N VAL A 384 -9.98 2.83 16.55
CA VAL A 384 -11.04 3.33 15.66
C VAL A 384 -10.44 4.20 14.58
N CYS A 385 -9.53 5.10 14.95
CA CYS A 385 -8.91 5.99 13.95
C CYS A 385 -8.14 5.19 12.90
N ARG A 386 -7.28 4.29 13.34
CA ARG A 386 -6.46 3.51 12.43
C ARG A 386 -7.32 2.57 11.58
N THR A 387 -8.41 2.04 12.13
CA THR A 387 -9.32 1.21 11.34
C THR A 387 -10.00 2.03 10.25
N LEU A 388 -10.51 3.22 10.59
CA LEU A 388 -11.09 4.09 9.59
C LEU A 388 -10.07 4.43 8.51
N LEU A 389 -8.84 4.73 8.91
CA LEU A 389 -7.79 5.06 7.93
C LEU A 389 -7.47 3.87 7.04
N ALA A 390 -7.29 2.70 7.66
CA ALA A 390 -6.96 1.50 6.90
C ALA A 390 -8.04 1.21 5.85
N LYS A 391 -9.31 1.40 6.20
CA LYS A 391 -10.37 1.18 5.22
C LYS A 391 -10.22 2.15 4.06
N SER A 392 -10.01 3.43 4.37
CA SER A 392 -9.85 4.45 3.35
C SER A 392 -8.64 4.17 2.45
N VAL A 393 -7.52 3.74 3.05
CA VAL A 393 -6.31 3.48 2.26
C VAL A 393 -6.50 2.26 1.38
N PHE A 394 -7.11 1.20 1.92
CA PHE A 394 -7.39 0.01 1.12
C PHE A 394 -8.43 0.29 0.04
N ASN A 395 -9.37 1.20 0.28
CA ASN A 395 -10.25 1.62 -0.81
C ASN A 395 -9.44 2.21 -1.96
N SER A 396 -8.34 2.88 -1.63
CA SER A 396 -7.50 3.50 -2.63
C SER A 396 -6.53 2.49 -3.23
N LEU A 397 -5.82 1.74 -2.38
CA LEU A 397 -4.93 0.70 -2.89
C LEU A 397 -5.67 -0.30 -3.78
N TYR A 398 -6.93 -0.60 -3.48
CA TYR A 398 -7.69 -1.62 -4.20
C TYR A 398 -8.90 -1.02 -4.90
N ALA A 399 -8.78 0.21 -5.39
CA ALA A 399 -9.85 0.82 -6.15
C ALA A 399 -10.22 -0.05 -7.35
N SER A 400 -11.51 -0.10 -7.68
CA SER A 400 -12.03 -0.92 -8.76
C SER A 400 -13.51 -0.57 -8.95
N PRO A 401 -14.09 -0.93 -10.10
CA PRO A 401 -15.54 -0.80 -10.26
C PRO A 401 -16.34 -1.80 -9.43
N GLN A 402 -15.81 -3.01 -9.19
CA GLN A 402 -16.44 -3.90 -8.22
C GLN A 402 -16.64 -3.21 -6.89
N LEU A 403 -15.62 -2.49 -6.40
CA LEU A 403 -15.74 -1.78 -5.12
C LEU A 403 -16.76 -0.65 -5.21
N GLU A 404 -16.75 0.10 -6.30
CA GLU A 404 -17.68 1.21 -6.44
C GLU A 404 -19.11 0.71 -6.48
N GLY A 405 -19.37 -0.36 -7.22
CA GLY A 405 -20.70 -0.93 -7.25
C GLY A 405 -21.10 -1.52 -5.91
N PHE A 406 -20.22 -2.35 -5.34
CA PHE A 406 -20.51 -2.95 -4.05
C PHE A 406 -20.81 -1.89 -2.99
N SER A 407 -20.04 -0.80 -2.99
CA SER A 407 -20.24 0.23 -1.97
C SER A 407 -21.61 0.87 -2.09
N ALA A 408 -22.03 1.17 -3.31
CA ALA A 408 -23.32 1.84 -3.52
C ALA A 408 -24.47 0.89 -3.23
N GLU A 409 -24.43 -0.33 -3.77
CA GLU A 409 -25.58 -1.20 -3.67
C GLU A 409 -25.71 -1.79 -2.27
N SER A 410 -24.59 -2.02 -1.58
CA SER A 410 -24.70 -2.60 -0.24
C SER A 410 -25.18 -1.59 0.78
N ARG A 411 -24.93 -0.28 0.54
CA ARG A 411 -25.50 0.73 1.42
C ARG A 411 -27.03 0.72 1.34
N LYS A 412 -27.57 0.48 0.14
CA LYS A 412 -29.02 0.43 -0.01
C LYS A 412 -29.60 -0.74 0.77
N LEU A 413 -29.01 -1.93 0.62
CA LEU A 413 -29.50 -3.09 1.37
C LEU A 413 -29.28 -2.93 2.87
N LEU A 414 -28.25 -2.17 3.28
CA LEU A 414 -28.02 -1.93 4.70
C LEU A 414 -29.16 -1.13 5.31
N LEU A 415 -29.44 0.06 4.75
CA LEU A 415 -30.51 0.91 5.27
C LEU A 415 -31.83 0.16 5.30
N ILE A 416 -32.09 -0.69 4.29
CA ILE A 416 -33.33 -1.46 4.27
C ILE A 416 -33.35 -2.47 5.41
N VAL A 417 -32.26 -3.23 5.57
CA VAL A 417 -32.23 -4.26 6.62
C VAL A 417 -32.27 -3.62 8.01
N GLN A 418 -31.69 -2.44 8.18
CA GLN A 418 -31.78 -1.74 9.46
C GLN A 418 -33.22 -1.33 9.74
N ALA A 419 -33.92 -0.81 8.73
CA ALA A 419 -35.31 -0.41 8.90
C ALA A 419 -36.21 -1.61 9.20
N LEU A 420 -35.95 -2.74 8.56
CA LEU A 420 -36.72 -3.94 8.89
C LEU A 420 -36.42 -4.43 10.29
N ARG A 421 -35.14 -4.35 10.70
CA ARG A 421 -34.76 -4.84 12.02
C ARG A 421 -35.44 -4.02 13.12
N ASP A 422 -35.32 -2.70 13.05
CA ASP A 422 -35.85 -1.83 14.12
C ASP A 422 -37.37 -1.93 14.25
N ASN A 423 -38.08 -2.14 13.14
CA ASN A 423 -39.53 -2.01 13.12
C ASN A 423 -40.25 -3.29 12.74
N LEU A 424 -39.60 -4.45 12.88
CA LEU A 424 -40.26 -5.73 12.59
C LEU A 424 -39.60 -6.87 13.36
N GLY A 432 -34.10 -9.25 -3.77
CA GLY A 432 -34.29 -9.86 -5.07
C GLY A 432 -33.40 -9.25 -6.15
N GLY A 433 -33.86 -8.14 -6.73
CA GLY A 433 -33.05 -7.45 -7.73
C GLY A 433 -31.90 -6.67 -7.15
N LEU A 434 -32.05 -6.17 -5.91
CA LEU A 434 -30.96 -5.47 -5.26
C LEU A 434 -29.79 -6.41 -4.98
N TYR A 435 -30.08 -7.64 -4.57
CA TYR A 435 -29.04 -8.64 -4.36
C TYR A 435 -28.23 -8.89 -5.64
N GLU A 436 -28.91 -8.96 -6.78
CA GLU A 436 -28.19 -9.20 -8.03
C GLU A 436 -27.20 -8.07 -8.31
N ALA A 437 -27.61 -6.82 -8.08
CA ALA A 437 -26.67 -5.71 -8.28
C ALA A 437 -25.45 -5.84 -7.37
N ILE A 438 -25.68 -6.26 -6.12
CA ILE A 438 -24.57 -6.44 -5.19
C ILE A 438 -23.70 -7.62 -5.62
N GLU A 439 -24.32 -8.79 -5.80
CA GLU A 439 -23.56 -9.99 -6.12
C GLU A 439 -22.95 -9.95 -7.51
N GLU A 440 -23.45 -9.08 -8.40
CA GLU A 440 -22.80 -8.89 -9.70
C GLU A 440 -21.40 -8.33 -9.55
N CYS A 441 -21.08 -7.74 -8.40
CA CYS A 441 -19.77 -7.19 -8.12
C CYS A 441 -18.87 -8.17 -7.37
N LEU A 442 -19.36 -9.35 -7.01
CA LEU A 442 -18.57 -10.33 -6.26
C LEU A 442 -18.02 -11.35 -7.25
N ILE A 443 -16.85 -11.05 -7.80
CA ILE A 443 -16.26 -11.88 -8.83
C ILE A 443 -14.91 -12.45 -8.36
N ASN A 444 -13.93 -11.58 -8.15
CA ASN A 444 -12.59 -12.07 -7.80
C ASN A 444 -11.75 -11.09 -6.99
N ASP A 445 -12.26 -9.90 -6.70
CA ASP A 445 -11.42 -8.89 -6.07
C ASP A 445 -11.28 -9.15 -4.58
N PRO A 446 -10.07 -9.36 -4.06
CA PRO A 446 -9.94 -9.67 -2.62
C PRO A 446 -10.60 -8.64 -1.71
N TRP A 447 -10.37 -7.35 -1.94
CA TRP A 447 -10.91 -6.32 -1.06
C TRP A 447 -12.45 -6.29 -1.10
N VAL A 448 -13.06 -6.39 -2.29
CA VAL A 448 -14.51 -6.44 -2.38
C VAL A 448 -15.04 -7.69 -1.67
N LEU A 449 -14.42 -8.85 -1.94
CA LEU A 449 -14.86 -10.07 -1.29
C LEU A 449 -14.76 -9.97 0.22
N LEU A 450 -13.70 -9.34 0.73
CA LEU A 450 -13.59 -9.17 2.18
C LEU A 450 -14.72 -8.29 2.71
N ASN A 451 -15.00 -7.17 2.04
CA ASN A 451 -16.05 -6.27 2.50
C ASN A 451 -17.42 -6.94 2.44
N ALA A 452 -17.64 -7.79 1.45
CA ALA A 452 -18.88 -8.57 1.40
C ALA A 452 -18.93 -9.56 2.56
N SER A 453 -17.80 -10.18 2.90
CA SER A 453 -17.75 -11.07 4.04
C SER A 453 -18.04 -10.33 5.33
N TRP A 454 -17.54 -9.09 5.46
CA TRP A 454 -17.87 -8.24 6.60
C TRP A 454 -19.35 -7.90 6.64
N PHE A 455 -19.92 -7.56 5.48
CA PHE A 455 -21.34 -7.29 5.37
C PHE A 455 -22.16 -8.46 5.91
N ASN A 456 -21.80 -9.68 5.52
CA ASN A 456 -22.54 -10.85 5.98
C ASN A 456 -22.47 -11.02 7.49
N SER A 457 -21.34 -10.63 8.10
CA SER A 457 -21.28 -10.59 9.56
C SER A 457 -22.28 -9.58 10.12
N PHE A 458 -22.43 -8.43 9.45
CA PHE A 458 -23.44 -7.47 9.88
C PHE A 458 -24.83 -8.05 9.77
N LEU A 459 -25.08 -8.86 8.74
CA LEU A 459 -26.41 -9.45 8.54
C LEU A 459 -26.73 -10.46 9.63
N THR A 460 -25.74 -11.26 10.05
CA THR A 460 -25.96 -12.26 11.09
C THR A 460 -26.30 -11.63 12.43
N HIS A 461 -25.71 -10.48 12.75
CA HIS A 461 -26.01 -9.79 14.00
C HIS A 461 -26.54 -8.38 13.77
C12 6B1 B . 25.33 -4.48 -4.71
C11 6B1 B . 25.80 -5.75 -5.04
C10 6B1 B . 25.93 -6.11 -6.39
CL2 6B1 B . 25.17 -4.02 -2.98
C02 6B1 B . 24.99 -3.58 -5.71
CL1 6B1 B . 24.39 -1.95 -5.28
C04 6B1 B . 25.58 -5.20 -7.39
C03 6B1 B . 25.11 -3.93 -7.05
N09 6B1 B . 26.34 -7.24 -6.99
C06 6B1 B . 26.26 -7.06 -8.33
N05 6B1 B . 25.80 -5.80 -8.56
C07 6B1 B . 26.63 -8.06 -9.39
O08 6B1 B . 26.22 -7.53 -10.65
S DMS C . 2.54 2.35 -8.98
O DMS C . 1.56 1.98 -10.04
C1 DMS C . 4.03 1.34 -9.02
C2 DMS C . 3.24 3.98 -9.36
CL CL D . -4.05 16.50 2.24
#